data_9AV4
#
_entry.id   9AV4
#
_cell.length_a   186.97
_cell.length_b   76.06
_cell.length_c   65.24
_cell.angle_alpha   90
_cell.angle_beta   94.69
_cell.angle_gamma   90
#
_symmetry.space_group_name_H-M   'C 1 2 1'
#
loop_
_entity.id
_entity.type
_entity.pdbx_description
1 polymer 'Hydroxysteroid 17-beta dehydrogenase 13'
2 non-polymer NICOTINAMIDE-ADENINE-DINUCLEOTIDE
3 non-polymer '4-(3,4-dichlorobenzene-1-sulfonamido)-2-fluorobenzoic acid'
4 water water
#
_entity_poly.entity_id   1
_entity_poly.type   'polypeptide(L)'
_entity_poly.pdbx_seq_one_letter_code
;MGNIILDLLLLLLTIIYSYLEALVKVFFPRKRKSVAGEIVLITGAGHGIGRWTAYEFAKQKSRLVLWDINKHGVEETAAE
CRKLGATVHTFVVDCGNREDIYNSVKQVKKEVGDVTILVNNAGTVYPADLLSTKDEEITKTFEINILGHFWITKALLPSM
IKRNHGHIVTVASVCGHEGIPYLIPYCSSKFAAVGFHRALTLELQALGITGIKTSCLCPVFVNTGFTKNPSTRLWPILET
DTVARSLIDGILTNKKMIFVPSYYNIYLILDKFLPERALAAINHLQNIQFEAVVGHKTRMKGSGHHHHHHHHHHH
;
_entity_poly.pdbx_strand_id   A,B
#
loop_
_chem_comp.id
_chem_comp.type
_chem_comp.name
_chem_comp.formula
A1AG4 non-polymer '4-(3,4-dichlorobenzene-1-sulfonamido)-2-fluorobenzoic acid' 'C13 H8 Cl2 F N O4 S'
NAD non-polymer NICOTINAMIDE-ADENINE-DINUCLEOTIDE 'C21 H27 N7 O14 P2'
#
# COMPACT_ATOMS: atom_id res chain seq x y z
N ILE A 15 -21.67 -6.98 -18.33
CA ILE A 15 -22.72 -7.14 -19.35
C ILE A 15 -23.61 -5.89 -19.41
N ILE A 16 -24.12 -5.45 -18.24
CA ILE A 16 -25.00 -4.27 -18.14
C ILE A 16 -24.16 -2.99 -18.24
N TYR A 17 -22.97 -2.99 -17.63
CA TYR A 17 -22.02 -1.87 -17.64
C TYR A 17 -21.29 -1.82 -18.99
N SER A 18 -21.01 -2.98 -19.59
CA SER A 18 -20.31 -3.12 -20.88
C SER A 18 -21.05 -2.42 -22.03
N TYR A 19 -22.38 -2.55 -22.10
CA TYR A 19 -23.17 -1.92 -23.15
C TYR A 19 -23.54 -0.47 -22.81
N LEU A 20 -23.62 -0.13 -21.52
CA LEU A 20 -23.94 1.23 -21.04
C LEU A 20 -22.72 2.14 -21.23
N GLU A 21 -21.51 1.66 -20.91
CA GLU A 21 -20.27 2.43 -21.07
C GLU A 21 -19.93 2.66 -22.54
N ALA A 22 -20.10 1.63 -23.39
CA ALA A 22 -19.87 1.78 -24.83
C ALA A 22 -20.82 2.82 -25.46
N LEU A 23 -22.00 3.02 -24.86
CA LEU A 23 -23.03 3.98 -25.24
C LEU A 23 -22.61 5.39 -24.77
N VAL A 24 -22.05 5.48 -23.55
CA VAL A 24 -21.56 6.73 -22.96
C VAL A 24 -20.27 7.22 -23.69
N LYS A 25 -19.48 6.30 -24.28
CA LYS A 25 -18.27 6.67 -25.00
C LYS A 25 -18.52 7.29 -26.39
N VAL A 26 -19.75 7.20 -26.89
CA VAL A 26 -20.09 7.78 -28.19
C VAL A 26 -20.83 9.12 -28.02
N PHE A 27 -21.88 9.13 -27.16
CA PHE A 27 -22.67 10.33 -26.87
C PHE A 27 -21.81 11.33 -26.08
N PHE A 28 -21.04 10.83 -25.12
CA PHE A 28 -20.15 11.67 -24.32
C PHE A 28 -18.68 11.22 -24.43
N PRO A 29 -17.98 11.51 -25.54
CA PRO A 29 -16.60 11.06 -25.65
C PRO A 29 -15.60 11.97 -24.91
N ARG A 30 -14.51 11.39 -24.42
CA ARG A 30 -13.47 12.16 -23.75
C ARG A 30 -12.45 12.59 -24.80
N LYS A 31 -11.95 13.84 -24.70
CA LYS A 31 -10.98 14.37 -25.67
C LYS A 31 -9.60 13.72 -25.56
N ARG A 32 -9.02 13.36 -26.72
CA ARG A 32 -7.72 12.71 -26.79
C ARG A 32 -6.63 13.73 -27.01
N LYS A 33 -5.61 13.73 -26.16
CA LYS A 33 -4.48 14.64 -26.32
C LYS A 33 -3.42 13.96 -27.19
N SER A 34 -2.40 14.73 -27.60
CA SER A 34 -1.30 14.14 -28.35
C SER A 34 -0.12 13.90 -27.40
N VAL A 35 0.61 12.81 -27.63
CA VAL A 35 1.83 12.51 -26.88
C VAL A 35 3.06 12.46 -27.83
N ALA A 36 2.90 12.91 -29.10
CA ALA A 36 3.94 12.96 -30.10
C ALA A 36 5.06 13.86 -29.61
N GLY A 37 6.28 13.37 -29.64
CA GLY A 37 7.44 14.17 -29.26
C GLY A 37 7.71 14.22 -27.77
N GLU A 38 6.81 13.65 -26.95
CA GLU A 38 7.01 13.58 -25.50
C GLU A 38 8.13 12.61 -25.20
N ILE A 39 8.88 12.79 -24.10
CA ILE A 39 9.91 11.84 -23.72
C ILE A 39 9.30 10.89 -22.67
N VAL A 40 8.96 9.67 -23.09
CA VAL A 40 8.28 8.66 -22.28
C VAL A 40 9.25 7.67 -21.69
N LEU A 41 9.29 7.57 -20.36
CA LEU A 41 10.13 6.60 -19.68
C LEU A 41 9.27 5.48 -19.17
N ILE A 42 9.51 4.25 -19.66
CA ILE A 42 8.75 3.07 -19.24
C ILE A 42 9.69 2.07 -18.59
N THR A 43 9.43 1.77 -17.30
CA THR A 43 10.19 0.78 -16.55
C THR A 43 9.57 -0.61 -16.77
N GLY A 44 10.36 -1.66 -16.67
CA GLY A 44 9.87 -3.02 -16.94
C GLY A 44 9.43 -3.17 -18.40
N ALA A 45 10.08 -2.43 -19.30
CA ALA A 45 9.75 -2.46 -20.72
C ALA A 45 10.26 -3.67 -21.50
N GLY A 46 10.96 -4.58 -20.82
CA GLY A 46 11.57 -5.76 -21.43
C GLY A 46 10.63 -6.91 -21.72
N HIS A 47 9.38 -6.84 -21.25
CA HIS A 47 8.39 -7.87 -21.48
C HIS A 47 6.98 -7.37 -21.10
N GLY A 48 5.94 -8.11 -21.52
CA GLY A 48 4.56 -7.93 -21.12
C GLY A 48 3.98 -6.56 -21.24
N ILE A 49 3.31 -6.09 -20.16
CA ILE A 49 2.63 -4.80 -20.19
C ILE A 49 3.57 -3.64 -20.56
N GLY A 50 4.79 -3.64 -20.03
CA GLY A 50 5.77 -2.60 -20.31
C GLY A 50 6.21 -2.55 -21.76
N ARG A 51 6.41 -3.73 -22.37
CA ARG A 51 6.82 -3.89 -23.76
C ARG A 51 5.70 -3.46 -24.71
N TRP A 52 4.47 -3.91 -24.47
CA TRP A 52 3.35 -3.57 -25.33
C TRP A 52 2.89 -2.14 -25.11
N THR A 53 3.14 -1.53 -23.93
CA THR A 53 2.87 -0.11 -23.72
C THR A 53 3.88 0.69 -24.56
N ALA A 54 5.16 0.25 -24.62
CA ALA A 54 6.20 0.87 -25.43
C ALA A 54 5.80 0.90 -26.88
N TYR A 55 5.21 -0.18 -27.40
CA TYR A 55 4.76 -0.24 -28.80
C TYR A 55 3.64 0.77 -29.03
N GLU A 56 2.73 0.94 -28.05
CA GLU A 56 1.65 1.91 -28.19
C GLU A 56 2.18 3.34 -28.29
N PHE A 57 3.15 3.70 -27.45
CA PHE A 57 3.76 5.03 -27.46
C PHE A 57 4.62 5.23 -28.69
N ALA A 58 5.24 4.16 -29.24
CA ALA A 58 6.00 4.25 -30.48
C ALA A 58 5.07 4.60 -31.64
N LYS A 59 3.84 4.02 -31.65
CA LYS A 59 2.86 4.37 -32.69
C LYS A 59 2.32 5.80 -32.47
N GLN A 60 2.34 6.33 -31.22
CA GLN A 60 1.91 7.71 -30.90
C GLN A 60 2.96 8.80 -31.23
N LYS A 61 4.11 8.38 -31.81
CA LYS A 61 5.25 9.19 -32.23
C LYS A 61 6.01 9.86 -31.04
N SER A 62 6.02 9.20 -29.86
CA SER A 62 6.75 9.67 -28.68
C SER A 62 8.25 9.30 -28.77
N ARG A 63 9.12 9.98 -28.02
CA ARG A 63 10.53 9.58 -27.91
C ARG A 63 10.58 8.67 -26.67
N LEU A 64 11.14 7.47 -26.82
CA LEU A 64 11.11 6.52 -25.72
C LEU A 64 12.41 6.31 -24.99
N VAL A 65 12.31 6.17 -23.66
CA VAL A 65 13.37 5.80 -22.76
C VAL A 65 12.89 4.51 -22.09
N LEU A 66 13.54 3.38 -22.34
CA LEU A 66 13.13 2.09 -21.81
C LEU A 66 14.12 1.58 -20.77
N TRP A 67 13.58 1.15 -19.61
CA TRP A 67 14.36 0.66 -18.49
C TRP A 67 13.98 -0.75 -18.11
N ASP A 68 14.98 -1.56 -17.76
CA ASP A 68 14.73 -2.93 -17.32
C ASP A 68 16.02 -3.58 -16.85
N ILE A 69 15.92 -4.56 -15.94
CA ILE A 69 17.09 -5.32 -15.49
C ILE A 69 17.48 -6.38 -16.54
N ASN A 70 16.54 -6.74 -17.45
CA ASN A 70 16.71 -7.67 -18.55
C ASN A 70 17.14 -6.86 -19.81
N LYS A 71 18.45 -6.81 -20.05
CA LYS A 71 19.07 -6.10 -21.14
C LYS A 71 18.59 -6.61 -22.50
N HIS A 72 18.66 -7.95 -22.71
CA HIS A 72 18.23 -8.60 -23.94
C HIS A 72 16.79 -8.25 -24.32
N GLY A 73 15.88 -8.35 -23.37
CA GLY A 73 14.48 -8.09 -23.59
C GLY A 73 14.14 -6.65 -23.87
N VAL A 74 14.83 -5.71 -23.21
CA VAL A 74 14.52 -4.30 -23.41
C VAL A 74 15.06 -3.85 -24.78
N GLU A 75 16.21 -4.39 -25.21
CA GLU A 75 16.75 -4.11 -26.55
C GLU A 75 15.89 -4.74 -27.65
N GLU A 76 15.22 -5.84 -27.36
CA GLU A 76 14.30 -6.51 -28.27
C GLU A 76 13.01 -5.64 -28.40
N THR A 77 12.55 -5.04 -27.29
CA THR A 77 11.41 -4.15 -27.31
C THR A 77 11.77 -2.90 -28.14
N ALA A 78 12.98 -2.35 -27.93
CA ALA A 78 13.48 -1.16 -28.60
C ALA A 78 13.66 -1.35 -30.09
N ALA A 79 14.09 -2.55 -30.53
CA ALA A 79 14.24 -2.83 -31.96
C ALA A 79 12.87 -2.80 -32.63
N GLU A 80 11.85 -3.36 -31.98
CA GLU A 80 10.51 -3.36 -32.49
C GLU A 80 9.89 -1.95 -32.48
N CYS A 81 10.21 -1.13 -31.46
CA CYS A 81 9.74 0.26 -31.41
C CYS A 81 10.39 1.06 -32.54
N ARG A 82 11.68 0.83 -32.82
CA ARG A 82 12.34 1.50 -33.90
C ARG A 82 11.75 1.09 -35.25
N LYS A 83 11.37 -0.19 -35.42
CA LYS A 83 10.69 -0.63 -36.66
C LYS A 83 9.35 0.12 -36.86
N LEU A 84 8.70 0.54 -35.74
CA LEU A 84 7.47 1.33 -35.71
C LEU A 84 7.68 2.83 -36.02
N GLY A 85 8.93 3.27 -36.23
CA GLY A 85 9.30 4.63 -36.55
C GLY A 85 9.78 5.51 -35.41
N ALA A 86 9.80 4.97 -34.16
CA ALA A 86 10.19 5.75 -32.99
C ALA A 86 11.70 5.86 -32.68
N THR A 87 12.10 6.96 -32.00
CA THR A 87 13.47 7.10 -31.48
C THR A 87 13.45 6.49 -30.04
N VAL A 88 14.39 5.57 -29.74
CA VAL A 88 14.40 4.87 -28.46
C VAL A 88 15.81 4.81 -27.82
N HIS A 89 15.91 5.06 -26.52
CA HIS A 89 17.16 4.89 -25.77
C HIS A 89 16.86 3.83 -24.68
N THR A 90 17.73 2.83 -24.52
CA THR A 90 17.54 1.82 -23.48
C THR A 90 18.61 1.92 -22.42
N PHE A 91 18.24 1.60 -21.19
CA PHE A 91 19.15 1.62 -20.06
C PHE A 91 18.87 0.38 -19.21
N VAL A 92 19.93 -0.28 -18.72
CA VAL A 92 19.74 -1.41 -17.83
C VAL A 92 19.68 -0.82 -16.45
N VAL A 93 18.49 -0.76 -15.84
CA VAL A 93 18.35 -0.14 -14.53
C VAL A 93 17.54 -1.03 -13.60
N ASP A 94 18.03 -1.23 -12.36
CA ASP A 94 17.32 -1.94 -11.31
C ASP A 94 16.40 -0.89 -10.70
N CYS A 95 15.11 -0.99 -11.01
CA CYS A 95 14.09 -0.05 -10.57
C CYS A 95 13.59 -0.28 -9.13
N GLY A 96 14.33 -1.05 -8.36
CA GLY A 96 14.13 -1.25 -6.94
C GLY A 96 15.32 -0.73 -6.15
N ASN A 97 16.39 -0.26 -6.85
CA ASN A 97 17.65 0.26 -6.30
C ASN A 97 17.72 1.78 -6.45
N ARG A 98 17.60 2.51 -5.35
CA ARG A 98 17.64 3.95 -5.29
C ARG A 98 18.89 4.58 -5.95
N GLU A 99 20.09 4.06 -5.64
CA GLU A 99 21.34 4.58 -6.17
C GLU A 99 21.41 4.41 -7.69
N ASP A 100 21.04 3.22 -8.18
CA ASP A 100 21.02 2.90 -9.61
C ASP A 100 20.04 3.83 -10.33
N ILE A 101 18.83 4.05 -9.77
CA ILE A 101 17.82 4.93 -10.36
C ILE A 101 18.35 6.38 -10.50
N TYR A 102 18.92 6.96 -9.43
CA TYR A 102 19.44 8.31 -9.49
C TYR A 102 20.58 8.48 -10.50
N ASN A 103 21.51 7.52 -10.52
CA ASN A 103 22.63 7.56 -11.46
C ASN A 103 22.12 7.45 -12.89
N SER A 104 21.07 6.64 -13.13
CA SER A 104 20.48 6.48 -14.45
C SER A 104 19.68 7.69 -14.90
N VAL A 105 19.08 8.42 -13.95
CA VAL A 105 18.36 9.66 -14.28
C VAL A 105 19.37 10.70 -14.79
N LYS A 106 20.59 10.75 -14.20
CA LYS A 106 21.67 11.63 -14.65
C LYS A 106 22.04 11.32 -16.12
N GLN A 107 22.11 10.02 -16.45
CA GLN A 107 22.42 9.52 -17.78
C GLN A 107 21.31 9.93 -18.77
N VAL A 108 20.01 9.75 -18.41
CA VAL A 108 18.89 10.11 -19.26
C VAL A 108 18.87 11.62 -19.56
N LYS A 109 19.15 12.45 -18.55
CA LYS A 109 19.18 13.91 -18.77
C LYS A 109 20.31 14.28 -19.74
N LYS A 110 21.46 13.65 -19.60
CA LYS A 110 22.65 13.91 -20.41
C LYS A 110 22.54 13.37 -21.85
N GLU A 111 21.78 12.29 -22.05
CA GLU A 111 21.69 11.67 -23.36
C GLU A 111 20.40 11.90 -24.10
N VAL A 112 19.29 12.09 -23.39
CA VAL A 112 17.98 12.21 -24.01
C VAL A 112 17.33 13.58 -23.72
N GLY A 113 17.21 13.91 -22.45
CA GLY A 113 16.60 15.16 -22.02
C GLY A 113 15.72 14.95 -20.80
N ASP A 114 14.73 15.81 -20.65
CA ASP A 114 13.80 15.74 -19.54
C ASP A 114 12.59 14.87 -19.81
N VAL A 115 12.41 13.77 -19.03
CA VAL A 115 11.26 12.89 -19.19
C VAL A 115 9.97 13.67 -18.94
N THR A 116 8.96 13.46 -19.78
CA THR A 116 7.67 14.13 -19.63
C THR A 116 6.60 13.19 -19.16
N ILE A 117 6.66 11.91 -19.59
CA ILE A 117 5.67 10.91 -19.16
C ILE A 117 6.42 9.76 -18.52
N LEU A 118 6.12 9.46 -17.25
CA LEU A 118 6.75 8.38 -16.53
C LEU A 118 5.73 7.26 -16.33
N VAL A 119 6.07 6.05 -16.78
CA VAL A 119 5.24 4.90 -16.60
C VAL A 119 5.95 3.94 -15.67
N ASN A 120 5.54 3.93 -14.39
CA ASN A 120 6.09 3.06 -13.33
C ASN A 120 5.48 1.66 -13.42
N ASN A 121 5.95 0.85 -14.37
CA ASN A 121 5.39 -0.44 -14.65
C ASN A 121 6.14 -1.62 -14.02
N ALA A 122 7.47 -1.54 -13.81
CA ALA A 122 8.24 -2.64 -13.24
C ALA A 122 7.63 -3.21 -11.96
N GLY A 123 7.53 -4.53 -11.91
CA GLY A 123 6.95 -5.21 -10.79
C GLY A 123 7.53 -6.60 -10.61
N THR A 124 7.36 -7.13 -9.39
CA THR A 124 7.84 -8.43 -8.96
C THR A 124 6.81 -9.05 -8.00
N VAL A 125 6.80 -10.40 -7.97
CA VAL A 125 5.88 -11.17 -7.13
C VAL A 125 6.52 -12.51 -6.78
N TYR A 126 6.28 -13.02 -5.57
CA TYR A 126 6.77 -14.32 -5.14
C TYR A 126 5.59 -15.02 -4.45
N PRO A 127 4.67 -15.60 -5.23
CA PRO A 127 3.47 -16.21 -4.64
C PRO A 127 3.81 -17.26 -3.60
N ALA A 128 3.16 -17.21 -2.41
CA ALA A 128 3.32 -18.15 -1.28
C ALA A 128 2.43 -17.69 -0.13
N ASP A 129 2.02 -18.61 0.75
CA ASP A 129 1.26 -18.19 1.93
C ASP A 129 2.26 -17.49 2.89
N LEU A 130 1.79 -16.58 3.77
CA LEU A 130 2.64 -15.74 4.62
C LEU A 130 3.80 -16.47 5.31
N LEU A 131 3.54 -17.64 5.90
CA LEU A 131 4.57 -18.36 6.62
C LEU A 131 5.58 -19.09 5.72
N SER A 132 5.29 -19.21 4.40
CA SER A 132 6.20 -19.81 3.43
C SER A 132 6.99 -18.76 2.65
N THR A 133 6.86 -17.46 2.95
CA THR A 133 7.58 -16.42 2.24
C THR A 133 9.00 -16.25 2.77
N LYS A 134 9.92 -15.74 1.92
CA LYS A 134 11.28 -15.43 2.36
C LYS A 134 11.28 -13.92 2.64
N ASP A 135 11.83 -13.48 3.78
CA ASP A 135 11.80 -12.06 4.13
C ASP A 135 12.43 -11.14 3.03
N GLU A 136 13.44 -11.68 2.28
CA GLU A 136 14.15 -11.02 1.17
C GLU A 136 13.19 -10.78 0.01
N GLU A 137 12.26 -11.71 -0.22
CA GLU A 137 11.25 -11.61 -1.27
C GLU A 137 10.24 -10.53 -0.91
N ILE A 138 9.88 -10.42 0.38
CA ILE A 138 8.97 -9.38 0.87
C ILE A 138 9.60 -8.00 0.66
N THR A 139 10.88 -7.88 1.00
CA THR A 139 11.67 -6.66 0.84
C THR A 139 11.77 -6.28 -0.64
N LYS A 140 12.14 -7.22 -1.52
CA LYS A 140 12.22 -6.96 -2.95
C LYS A 140 10.88 -6.54 -3.54
N THR A 141 9.78 -7.14 -3.08
CA THR A 141 8.43 -6.79 -3.54
C THR A 141 8.15 -5.31 -3.25
N PHE A 142 8.44 -4.84 -2.03
CA PHE A 142 8.24 -3.43 -1.69
C PHE A 142 9.19 -2.50 -2.42
N GLU A 143 10.47 -2.86 -2.49
CA GLU A 143 11.48 -2.07 -3.14
C GLU A 143 11.17 -1.79 -4.59
N ILE A 144 10.71 -2.79 -5.33
CA ILE A 144 10.36 -2.60 -6.73
C ILE A 144 8.94 -2.09 -6.95
N ASN A 145 7.95 -2.65 -6.27
CA ASN A 145 6.55 -2.31 -6.54
C ASN A 145 6.08 -0.98 -5.98
N ILE A 146 6.80 -0.37 -4.99
CA ILE A 146 6.35 0.94 -4.50
C ILE A 146 7.54 1.91 -4.19
N LEU A 147 8.58 1.46 -3.46
CA LEU A 147 9.69 2.34 -3.10
C LEU A 147 10.38 2.91 -4.33
N GLY A 148 10.52 2.10 -5.37
CA GLY A 148 11.11 2.50 -6.64
C GLY A 148 10.32 3.59 -7.33
N HIS A 149 8.98 3.54 -7.25
CA HIS A 149 8.12 4.61 -7.77
C HIS A 149 8.51 5.97 -7.11
N PHE A 150 8.77 5.98 -5.81
CA PHE A 150 9.15 7.18 -5.09
C PHE A 150 10.46 7.74 -5.60
N TRP A 151 11.50 6.89 -5.77
CA TRP A 151 12.80 7.39 -6.24
C TRP A 151 12.70 7.92 -7.66
N ILE A 152 12.02 7.17 -8.55
CA ILE A 152 11.92 7.62 -9.94
C ILE A 152 11.08 8.89 -10.06
N THR A 153 9.96 8.96 -9.34
CA THR A 153 9.12 10.15 -9.38
C THR A 153 9.85 11.36 -8.81
N LYS A 154 10.54 11.19 -7.67
CA LYS A 154 11.30 12.32 -7.10
C LYS A 154 12.41 12.86 -8.02
N ALA A 155 12.94 12.00 -8.89
CA ALA A 155 14.00 12.39 -9.80
C ALA A 155 13.45 13.09 -11.04
N LEU A 156 12.26 12.70 -11.50
CA LEU A 156 11.70 13.25 -12.72
C LEU A 156 10.70 14.39 -12.53
N LEU A 157 10.04 14.48 -11.36
CA LEU A 157 9.03 15.53 -11.04
C LEU A 157 9.52 17.02 -11.10
N PRO A 158 10.75 17.37 -10.66
CA PRO A 158 11.18 18.77 -10.72
C PRO A 158 11.06 19.46 -12.09
N SER A 159 11.44 18.73 -13.13
CA SER A 159 11.43 19.24 -14.49
C SER A 159 9.98 19.42 -14.98
N MET A 160 9.09 18.49 -14.61
CA MET A 160 7.68 18.52 -14.95
C MET A 160 7.00 19.71 -14.24
N ILE A 161 7.38 19.99 -12.98
CA ILE A 161 6.83 21.11 -12.19
C ILE A 161 7.27 22.42 -12.80
N LYS A 162 8.59 22.53 -13.11
CA LYS A 162 9.21 23.68 -13.73
C LYS A 162 8.50 24.05 -15.02
N ARG A 163 8.13 23.06 -15.82
CA ARG A 163 7.44 23.27 -17.11
C ARG A 163 5.91 23.22 -17.03
N ASN A 164 5.35 22.93 -15.84
CA ASN A 164 3.92 22.68 -15.58
C ASN A 164 3.35 21.69 -16.57
N HIS A 165 4.07 20.58 -16.79
CA HIS A 165 3.71 19.62 -17.81
C HIS A 165 4.34 18.27 -17.58
N GLY A 166 3.50 17.27 -17.34
CA GLY A 166 3.94 15.91 -17.14
C GLY A 166 2.79 14.93 -16.98
N HIS A 167 3.11 13.66 -16.88
CA HIS A 167 2.11 12.62 -16.66
C HIS A 167 2.74 11.47 -15.90
N ILE A 168 2.30 11.20 -14.65
CA ILE A 168 2.78 10.09 -13.83
C ILE A 168 1.78 8.91 -13.90
N VAL A 169 2.21 7.80 -14.51
CA VAL A 169 1.41 6.61 -14.65
C VAL A 169 1.90 5.55 -13.67
N THR A 170 1.04 5.12 -12.75
CA THR A 170 1.38 4.07 -11.79
C THR A 170 0.74 2.78 -12.26
N VAL A 171 1.52 1.75 -12.53
CA VAL A 171 0.94 0.47 -12.89
C VAL A 171 0.77 -0.32 -11.60
N ALA A 172 -0.47 -0.41 -11.12
CA ALA A 172 -0.75 -1.12 -9.89
C ALA A 172 -1.40 -2.52 -10.23
N SER A 173 -2.70 -2.83 -9.93
CA SER A 173 -3.35 -4.11 -10.16
C SER A 173 -4.72 -4.04 -9.49
N VAL A 174 -5.63 -5.02 -9.77
CA VAL A 174 -6.86 -5.12 -8.96
C VAL A 174 -6.48 -5.48 -7.50
N CYS A 175 -5.28 -6.10 -7.30
CA CYS A 175 -4.64 -6.41 -6.01
C CYS A 175 -4.38 -5.14 -5.17
N GLY A 176 -4.44 -3.96 -5.77
CA GLY A 176 -4.32 -2.70 -5.05
C GLY A 176 -5.64 -2.21 -4.47
N HIS A 177 -6.74 -2.91 -4.77
CA HIS A 177 -8.07 -2.61 -4.31
C HIS A 177 -8.67 -3.75 -3.49
N GLU A 178 -8.28 -5.00 -3.79
CA GLU A 178 -8.78 -6.16 -3.08
C GLU A 178 -7.66 -7.19 -2.86
N GLY A 179 -7.61 -7.79 -1.68
CA GLY A 179 -6.60 -8.78 -1.34
C GLY A 179 -6.83 -10.13 -1.98
N ILE A 180 -5.79 -10.95 -2.04
CA ILE A 180 -5.84 -12.29 -2.62
C ILE A 180 -5.02 -13.24 -1.77
N PRO A 181 -5.56 -14.41 -1.43
CA PRO A 181 -4.75 -15.41 -0.70
C PRO A 181 -3.45 -15.77 -1.43
N TYR A 182 -2.37 -16.02 -0.64
CA TYR A 182 -1.03 -16.39 -1.14
C TYR A 182 -0.30 -15.24 -1.85
N LEU A 183 -0.87 -14.04 -1.88
CA LEU A 183 -0.23 -12.87 -2.48
C LEU A 183 -0.26 -11.70 -1.49
N ILE A 184 -0.11 -11.96 -0.18
CA ILE A 184 -0.16 -10.91 0.84
C ILE A 184 0.88 -9.82 0.61
N PRO A 185 2.20 -10.11 0.57
CA PRO A 185 3.18 -9.03 0.36
C PRO A 185 2.95 -8.28 -0.94
N TYR A 186 2.53 -8.96 -1.99
CA TYR A 186 2.29 -8.34 -3.29
C TYR A 186 1.07 -7.43 -3.24
N CYS A 187 -0.03 -7.90 -2.64
CA CYS A 187 -1.25 -7.09 -2.54
C CYS A 187 -0.99 -5.82 -1.73
N SER A 188 -0.19 -5.94 -0.66
CA SER A 188 0.16 -4.85 0.22
C SER A 188 0.97 -3.80 -0.56
N SER A 189 1.93 -4.22 -1.38
CA SER A 189 2.72 -3.30 -2.20
C SER A 189 1.88 -2.69 -3.32
N LYS A 190 0.84 -3.41 -3.80
CA LYS A 190 -0.07 -2.88 -4.82
C LYS A 190 -1.04 -1.87 -4.23
N PHE A 191 -1.45 -2.06 -2.98
CA PHE A 191 -2.29 -1.11 -2.26
C PHE A 191 -1.46 0.17 -2.04
N ALA A 192 -0.16 0.01 -1.69
CA ALA A 192 0.77 1.11 -1.51
C ALA A 192 0.89 1.93 -2.82
N ALA A 193 0.92 1.26 -3.98
CA ALA A 193 0.98 1.94 -5.26
C ALA A 193 -0.28 2.77 -5.53
N VAL A 194 -1.48 2.23 -5.23
CA VAL A 194 -2.74 2.97 -5.41
C VAL A 194 -2.78 4.21 -4.47
N GLY A 195 -2.28 4.06 -3.27
CA GLY A 195 -2.23 5.14 -2.30
C GLY A 195 -1.27 6.23 -2.69
N PHE A 196 -0.14 5.86 -3.31
CA PHE A 196 0.85 6.80 -3.79
C PHE A 196 0.21 7.62 -4.93
N HIS A 197 -0.51 6.95 -5.85
CA HIS A 197 -1.21 7.63 -6.94
C HIS A 197 -2.29 8.61 -6.39
N ARG A 198 -3.10 8.18 -5.43
CA ARG A 198 -4.13 9.04 -4.84
C ARG A 198 -3.58 10.29 -4.12
N ALA A 199 -2.56 10.09 -3.25
CA ALA A 199 -1.96 11.19 -2.49
C ALA A 199 -1.20 12.15 -3.41
N LEU A 200 -0.55 11.59 -4.46
CA LEU A 200 0.16 12.39 -5.46
C LEU A 200 -0.84 13.27 -6.20
N THR A 201 -1.93 12.69 -6.75
CA THR A 201 -3.00 13.41 -7.42
C THR A 201 -3.53 14.59 -6.57
N LEU A 202 -3.80 14.35 -5.28
CA LEU A 202 -4.31 15.37 -4.38
C LEU A 202 -3.31 16.46 -4.04
N GLU A 203 -2.02 16.07 -3.84
CA GLU A 203 -0.95 17.02 -3.52
C GLU A 203 -0.65 17.98 -4.68
N LEU A 204 -0.53 17.46 -5.94
CA LEU A 204 -0.31 18.29 -7.13
C LEU A 204 -1.42 19.37 -7.23
N GLN A 205 -2.67 18.96 -6.98
CA GLN A 205 -3.86 19.81 -7.03
C GLN A 205 -3.79 20.84 -5.90
N ALA A 206 -3.41 20.42 -4.68
CA ALA A 206 -3.26 21.33 -3.54
C ALA A 206 -2.18 22.39 -3.79
N LEU A 207 -1.11 22.01 -4.52
CA LEU A 207 -0.02 22.94 -4.82
C LEU A 207 -0.26 23.85 -6.02
N GLY A 208 -1.43 23.73 -6.65
CA GLY A 208 -1.77 24.52 -7.82
C GLY A 208 -1.08 24.06 -9.08
N ILE A 209 -0.54 22.83 -9.12
CA ILE A 209 0.13 22.29 -10.28
C ILE A 209 -0.90 21.59 -11.17
N THR A 210 -1.45 22.33 -12.12
CA THR A 210 -2.50 21.89 -13.03
C THR A 210 -2.04 21.07 -14.24
N GLY A 211 -0.78 21.21 -14.62
CA GLY A 211 -0.26 20.58 -15.84
C GLY A 211 0.26 19.16 -15.74
N ILE A 212 0.39 18.62 -14.53
CA ILE A 212 0.87 17.26 -14.33
C ILE A 212 -0.29 16.29 -14.08
N LYS A 213 -0.51 15.37 -15.01
CA LYS A 213 -1.61 14.41 -14.91
C LYS A 213 -1.15 13.12 -14.24
N THR A 214 -2.10 12.34 -13.72
CA THR A 214 -1.79 11.07 -13.06
C THR A 214 -2.78 10.01 -13.56
N SER A 215 -2.30 8.78 -13.76
CA SER A 215 -3.15 7.65 -14.14
C SER A 215 -2.71 6.41 -13.36
N CYS A 216 -3.64 5.56 -12.98
CA CYS A 216 -3.31 4.32 -12.28
C CYS A 216 -3.89 3.21 -13.10
N LEU A 217 -3.06 2.25 -13.51
CA LEU A 217 -3.56 1.11 -14.28
C LEU A 217 -3.77 -0.06 -13.35
N CYS A 218 -5.00 -0.55 -13.26
CA CYS A 218 -5.36 -1.67 -12.41
C CYS A 218 -5.97 -2.83 -13.20
N PRO A 219 -5.16 -3.63 -13.90
CA PRO A 219 -5.73 -4.78 -14.62
C PRO A 219 -5.96 -5.99 -13.71
N VAL A 220 -6.86 -6.89 -14.14
CA VAL A 220 -7.06 -8.18 -13.49
C VAL A 220 -5.94 -9.10 -14.11
N PHE A 221 -6.00 -10.44 -13.98
CA PHE A 221 -4.99 -11.32 -14.52
C PHE A 221 -4.73 -11.11 -16.03
N VAL A 222 -3.47 -10.81 -16.37
CA VAL A 222 -3.01 -10.66 -17.75
C VAL A 222 -2.09 -11.85 -18.03
N ASN A 223 -2.28 -12.52 -19.16
CA ASN A 223 -1.51 -13.69 -19.58
C ASN A 223 -0.08 -13.31 -20.03
N THR A 224 0.78 -12.89 -19.09
CA THR A 224 2.17 -12.48 -19.42
C THR A 224 3.24 -13.42 -18.83
N GLY A 225 2.82 -14.38 -18.01
CA GLY A 225 3.70 -15.29 -17.29
C GLY A 225 4.16 -14.74 -15.95
N PHE A 226 3.68 -13.53 -15.56
CA PHE A 226 4.01 -12.88 -14.29
C PHE A 226 3.65 -13.80 -13.12
N THR A 227 2.44 -14.40 -13.15
CA THR A 227 1.98 -15.49 -12.28
C THR A 227 1.41 -16.59 -13.19
N LYS A 228 1.23 -17.81 -12.68
CA LYS A 228 0.77 -18.94 -13.49
C LYS A 228 -0.70 -18.91 -13.93
N ASN A 229 -1.64 -18.66 -13.02
CA ASN A 229 -3.08 -18.69 -13.32
C ASN A 229 -3.83 -17.59 -12.55
N PRO A 230 -5.05 -17.19 -12.98
CA PRO A 230 -5.80 -16.19 -12.19
C PRO A 230 -6.27 -16.76 -10.85
N SER A 231 -6.32 -15.93 -9.80
CA SER A 231 -6.71 -16.37 -8.45
C SER A 231 -8.21 -16.69 -8.28
N THR A 232 -9.04 -16.40 -9.31
CA THR A 232 -10.49 -16.65 -9.31
C THR A 232 -10.92 -17.40 -10.60
N ARG A 233 -12.20 -17.82 -10.70
CA ARG A 233 -12.76 -18.48 -11.91
C ARG A 233 -13.11 -17.43 -12.99
N LEU A 234 -12.11 -16.62 -13.38
CA LEU A 234 -12.19 -15.54 -14.35
C LEU A 234 -12.33 -16.07 -15.78
N ILE A 237 -9.41 -14.67 -20.50
CA ILE A 237 -8.28 -14.03 -19.78
C ILE A 237 -7.70 -12.87 -20.62
N LEU A 238 -7.30 -11.77 -19.97
CA LEU A 238 -6.73 -10.60 -20.65
C LEU A 238 -5.45 -10.89 -21.41
N GLU A 239 -5.36 -10.36 -22.64
CA GLU A 239 -4.13 -10.44 -23.42
C GLU A 239 -3.32 -9.16 -23.17
N THR A 240 -2.00 -9.23 -23.34
CA THR A 240 -1.14 -8.06 -23.08
C THR A 240 -1.43 -6.83 -23.98
N ASP A 241 -1.74 -7.07 -25.24
CA ASP A 241 -2.03 -6.00 -26.19
C ASP A 241 -3.30 -5.23 -25.85
N THR A 242 -4.27 -5.90 -25.22
CA THR A 242 -5.52 -5.28 -24.80
C THR A 242 -5.25 -4.32 -23.63
N VAL A 243 -4.41 -4.74 -22.69
CA VAL A 243 -4.05 -3.95 -21.52
C VAL A 243 -3.27 -2.71 -21.94
N ALA A 244 -2.36 -2.87 -22.91
CA ALA A 244 -1.59 -1.74 -23.43
C ALA A 244 -2.52 -0.74 -24.17
N ARG A 245 -3.53 -1.25 -24.90
CA ARG A 245 -4.52 -0.40 -25.57
C ARG A 245 -5.34 0.35 -24.53
N SER A 246 -5.74 -0.33 -23.46
CA SER A 246 -6.52 0.30 -22.39
C SER A 246 -5.73 1.39 -21.70
N LEU A 247 -4.44 1.12 -21.42
CA LEU A 247 -3.54 2.07 -20.80
C LEU A 247 -3.38 3.33 -21.67
N ILE A 248 -2.95 3.18 -22.95
CA ILE A 248 -2.75 4.34 -23.80
C ILE A 248 -4.02 5.16 -23.98
N ASP A 249 -5.19 4.50 -24.13
CA ASP A 249 -6.47 5.19 -24.27
C ASP A 249 -6.80 6.00 -23.03
N GLY A 250 -6.46 5.48 -21.85
CA GLY A 250 -6.66 6.17 -20.59
C GLY A 250 -5.73 7.36 -20.40
N ILE A 251 -4.44 7.21 -20.79
CA ILE A 251 -3.45 8.29 -20.70
C ILE A 251 -3.85 9.47 -21.60
N LEU A 252 -4.21 9.17 -22.86
CA LEU A 252 -4.61 10.18 -23.81
C LEU A 252 -5.88 10.94 -23.41
N THR A 253 -6.72 10.34 -22.57
CA THR A 253 -7.94 11.02 -22.11
C THR A 253 -7.85 11.49 -20.63
N ASN A 254 -6.65 11.41 -20.02
CA ASN A 254 -6.34 11.81 -18.65
C ASN A 254 -7.20 11.09 -17.60
N LYS A 255 -7.47 9.79 -17.80
CA LYS A 255 -8.24 9.01 -16.86
C LYS A 255 -7.38 8.68 -15.66
N LYS A 256 -7.88 8.99 -14.45
CA LYS A 256 -7.13 8.76 -13.22
C LYS A 256 -7.08 7.33 -12.76
N MET A 257 -8.18 6.58 -12.86
CA MET A 257 -8.17 5.17 -12.44
C MET A 257 -8.64 4.33 -13.60
N ILE A 258 -7.72 3.56 -14.18
CA ILE A 258 -8.02 2.74 -15.35
C ILE A 258 -8.10 1.28 -14.91
N PHE A 259 -9.30 0.70 -14.94
CA PHE A 259 -9.48 -0.70 -14.60
C PHE A 259 -9.51 -1.50 -15.89
N VAL A 260 -8.84 -2.65 -15.95
CA VAL A 260 -8.91 -3.50 -17.14
C VAL A 260 -9.35 -4.89 -16.72
N PRO A 261 -10.60 -5.32 -17.05
CA PRO A 261 -11.64 -4.59 -17.80
C PRO A 261 -12.35 -3.57 -16.92
N SER A 262 -12.76 -2.45 -17.53
CA SER A 262 -13.41 -1.32 -16.85
C SER A 262 -14.59 -1.71 -15.98
N TYR A 263 -15.33 -2.78 -16.33
CA TYR A 263 -16.45 -3.27 -15.52
C TYR A 263 -16.05 -3.79 -14.15
N TYR A 264 -14.73 -3.93 -13.88
CA TYR A 264 -14.31 -4.39 -12.55
C TYR A 264 -14.48 -3.35 -11.46
N ASN A 265 -14.77 -2.11 -11.83
CA ASN A 265 -15.02 -1.03 -10.91
C ASN A 265 -16.33 -1.33 -10.15
N ILE A 266 -17.35 -1.92 -10.80
CA ILE A 266 -18.60 -2.21 -10.13
C ILE A 266 -18.48 -3.39 -9.17
N TYR A 267 -17.60 -4.38 -9.45
CA TYR A 267 -17.39 -5.50 -8.52
C TYR A 267 -16.79 -4.97 -7.22
N LEU A 268 -15.87 -4.01 -7.31
CA LEU A 268 -15.20 -3.39 -6.17
C LEU A 268 -16.16 -2.50 -5.37
N ILE A 269 -17.10 -1.82 -6.07
CA ILE A 269 -18.09 -0.98 -5.42
C ILE A 269 -19.10 -1.86 -4.65
N LEU A 270 -19.47 -3.03 -5.21
CA LEU A 270 -20.39 -3.96 -4.57
C LEU A 270 -19.77 -4.57 -3.31
N ASP A 271 -18.43 -4.77 -3.29
CA ASP A 271 -17.68 -5.29 -2.14
C ASP A 271 -17.78 -4.34 -0.94
N LYS A 272 -17.81 -3.02 -1.20
CA LYS A 272 -17.94 -2.00 -0.17
C LYS A 272 -19.41 -1.81 0.30
N PHE A 273 -20.26 -2.84 0.13
CA PHE A 273 -21.67 -2.86 0.49
C PHE A 273 -22.07 -4.33 0.86
N LEU A 274 -21.55 -4.84 1.97
CA LEU A 274 -21.85 -6.24 2.36
C LEU A 274 -21.99 -6.42 3.87
N VAL B 26 -28.79 -1.90 18.92
CA VAL B 26 -29.73 -2.31 19.96
C VAL B 26 -30.61 -3.47 19.49
N PHE B 27 -31.23 -3.33 18.30
CA PHE B 27 -32.08 -4.36 17.71
C PHE B 27 -31.23 -5.56 17.29
N PHE B 28 -30.05 -5.30 16.71
CA PHE B 28 -29.12 -6.35 16.29
C PHE B 28 -27.75 -6.17 16.97
N PRO B 29 -27.61 -6.55 18.25
CA PRO B 29 -26.31 -6.36 18.92
C PRO B 29 -25.27 -7.42 18.60
N ARG B 30 -24.00 -7.04 18.60
CA ARG B 30 -22.90 -7.97 18.34
C ARG B 30 -22.44 -8.55 19.68
N LYS B 31 -22.16 -9.86 19.71
CA LYS B 31 -21.72 -10.51 20.95
C LYS B 31 -20.27 -10.12 21.32
N ARG B 32 -20.05 -9.83 22.60
CA ARG B 32 -18.74 -9.45 23.12
C ARG B 32 -18.03 -10.67 23.69
N LYS B 33 -16.82 -10.92 23.23
CA LYS B 33 -16.02 -12.04 23.73
C LYS B 33 -15.21 -11.58 24.95
N SER B 34 -14.58 -12.52 25.65
CA SER B 34 -13.68 -12.18 26.75
C SER B 34 -12.23 -12.25 26.26
N VAL B 35 -11.42 -11.35 26.77
CA VAL B 35 -9.97 -11.35 26.45
C VAL B 35 -9.13 -11.54 27.75
N ALA B 36 -9.78 -11.87 28.88
CA ALA B 36 -9.15 -12.10 30.17
C ALA B 36 -8.16 -13.24 30.05
N GLY B 37 -6.93 -13.00 30.47
CA GLY B 37 -5.91 -14.03 30.45
C GLY B 37 -5.21 -14.23 29.13
N GLU B 38 -5.65 -13.52 28.07
CA GLU B 38 -5.00 -13.57 26.77
C GLU B 38 -3.65 -12.86 26.87
N ILE B 39 -2.67 -13.26 26.07
CA ILE B 39 -1.41 -12.54 26.03
C ILE B 39 -1.58 -11.55 24.89
N VAL B 40 -1.55 -10.25 25.21
CA VAL B 40 -1.72 -9.17 24.27
C VAL B 40 -0.43 -8.41 24.07
N LEU B 41 0.08 -8.38 22.83
CA LEU B 41 1.29 -7.63 22.52
C LEU B 41 0.90 -6.36 21.79
N ILE B 42 1.22 -5.19 22.38
CA ILE B 42 0.93 -3.89 21.80
C ILE B 42 2.22 -3.15 21.51
N THR B 43 2.48 -2.86 20.23
CA THR B 43 3.64 -2.08 19.80
C THR B 43 3.28 -0.59 19.85
N GLY B 44 4.28 0.27 20.05
CA GLY B 44 4.04 1.69 20.19
C GLY B 44 3.20 2.01 21.43
N ALA B 45 3.35 1.19 22.47
CA ALA B 45 2.57 1.37 23.69
C ALA B 45 3.05 2.48 24.63
N GLY B 46 4.11 3.18 24.26
CA GLY B 46 4.71 4.22 25.06
C GLY B 46 4.00 5.56 25.08
N HIS B 47 3.00 5.73 24.21
CA HIS B 47 2.24 6.97 24.13
C HIS B 47 0.96 6.76 23.28
N GLY B 48 0.07 7.73 23.32
CA GLY B 48 -1.13 7.82 22.49
C GLY B 48 -2.02 6.59 22.37
N ILE B 49 -2.40 6.25 21.14
CA ILE B 49 -3.30 5.11 20.90
C ILE B 49 -2.81 3.80 21.54
N GLY B 50 -1.52 3.51 21.44
CA GLY B 50 -0.91 2.31 21.99
C GLY B 50 -1.00 2.24 23.50
N ARG B 51 -0.77 3.38 24.19
CA ARG B 51 -0.82 3.53 25.64
C ARG B 51 -2.24 3.37 26.15
N TRP B 52 -3.20 4.06 25.52
CA TRP B 52 -4.59 3.99 25.96
C TRP B 52 -5.24 2.67 25.55
N THR B 53 -4.75 1.98 24.50
CA THR B 53 -5.23 0.64 24.17
C THR B 53 -4.75 -0.32 25.27
N ALA B 54 -3.50 -0.16 25.76
CA ALA B 54 -2.94 -0.94 26.84
C ALA B 54 -3.80 -0.82 28.09
N TYR B 55 -4.28 0.39 28.42
CA TYR B 55 -5.14 0.59 29.59
C TYR B 55 -6.47 -0.14 29.40
N GLU B 56 -7.00 -0.17 28.16
CA GLU B 56 -8.25 -0.89 27.91
C GLU B 56 -8.12 -2.39 28.14
N PHE B 57 -7.01 -2.97 27.67
CA PHE B 57 -6.75 -4.40 27.84
C PHE B 57 -6.41 -4.73 29.29
N ALA B 58 -5.80 -3.79 30.03
CA ALA B 58 -5.52 -3.98 31.46
C ALA B 58 -6.83 -4.08 32.22
N LYS B 59 -7.84 -3.26 31.85
CA LYS B 59 -9.15 -3.35 32.52
C LYS B 59 -9.88 -4.66 32.09
N GLN B 60 -9.57 -5.22 30.90
CA GLN B 60 -10.15 -6.49 30.40
C GLN B 60 -9.52 -7.77 31.03
N LYS B 61 -8.56 -7.58 31.97
CA LYS B 61 -7.82 -8.60 32.71
C LYS B 61 -6.88 -9.46 31.80
N SER B 62 -6.34 -8.86 30.73
CA SER B 62 -5.39 -9.54 29.82
C SER B 62 -3.96 -9.47 30.39
N ARG B 63 -3.05 -10.34 29.90
CA ARG B 63 -1.63 -10.38 30.25
C ARG B 63 -0.93 -9.55 29.17
N LEU B 64 -0.47 -8.34 29.51
CA LEU B 64 0.10 -7.43 28.53
C LEU B 64 1.59 -7.56 28.30
N VAL B 65 2.01 -7.36 27.03
CA VAL B 65 3.39 -7.32 26.57
C VAL B 65 3.47 -6.02 25.78
N LEU B 66 4.26 -5.07 26.27
CA LEU B 66 4.34 -3.75 25.65
C LEU B 66 5.69 -3.52 25.01
N TRP B 67 5.68 -3.03 23.76
CA TRP B 67 6.88 -2.76 22.97
C TRP B 67 6.96 -1.32 22.55
N ASP B 68 8.16 -0.75 22.57
CA ASP B 68 8.37 0.62 22.12
C ASP B 68 9.86 0.94 22.10
N ILE B 69 10.28 1.89 21.25
CA ILE B 69 11.67 2.37 21.23
C ILE B 69 11.93 3.34 22.39
N ASN B 70 10.86 3.94 22.96
CA ASN B 70 10.88 4.85 24.07
C ASN B 70 10.66 4.03 25.38
N LYS B 71 11.77 3.71 26.05
CA LYS B 71 11.83 2.94 27.27
C LYS B 71 11.05 3.61 28.41
N HIS B 72 11.32 4.90 28.65
CA HIS B 72 10.67 5.69 29.69
C HIS B 72 9.15 5.68 29.56
N GLY B 73 8.66 5.91 28.35
CA GLY B 73 7.24 5.97 28.08
C GLY B 73 6.52 4.66 28.21
N VAL B 74 7.16 3.55 27.77
CA VAL B 74 6.50 2.26 27.83
C VAL B 74 6.44 1.79 29.29
N GLU B 75 7.47 2.07 30.10
CA GLU B 75 7.46 1.72 31.52
C GLU B 75 6.44 2.56 32.29
N GLU B 76 6.18 3.80 31.82
CA GLU B 76 5.19 4.70 32.41
C GLU B 76 3.78 4.14 32.10
N THR B 77 3.58 3.59 30.89
CA THR B 77 2.31 2.97 30.50
C THR B 77 2.10 1.73 31.38
N ALA B 78 3.15 0.91 31.55
CA ALA B 78 3.12 -0.33 32.31
C ALA B 78 2.85 -0.12 33.79
N ALA B 79 3.37 0.98 34.37
CA ALA B 79 3.11 1.29 35.79
C ALA B 79 1.64 1.58 35.98
N GLU B 80 1.03 2.32 35.06
CA GLU B 80 -0.38 2.67 35.11
C GLU B 80 -1.25 1.42 34.85
N CYS B 81 -0.78 0.49 33.98
CA CYS B 81 -1.47 -0.77 33.70
C CYS B 81 -1.43 -1.69 34.92
N ARG B 82 -0.30 -1.69 35.65
CA ARG B 82 -0.21 -2.46 36.89
C ARG B 82 -1.12 -1.87 37.95
N LYS B 83 -1.25 -0.52 38.02
CA LYS B 83 -2.18 0.09 38.98
C LYS B 83 -3.64 -0.33 38.69
N LEU B 84 -3.95 -0.67 37.41
CA LEU B 84 -5.25 -1.18 36.97
C LEU B 84 -5.48 -2.68 37.28
N GLY B 85 -4.49 -3.35 37.87
CA GLY B 85 -4.56 -4.75 38.26
C GLY B 85 -3.93 -5.77 37.34
N ALA B 86 -3.41 -5.32 36.18
CA ALA B 86 -2.82 -6.22 35.18
C ALA B 86 -1.36 -6.62 35.35
N THR B 87 -0.99 -7.82 34.85
CA THR B 87 0.41 -8.26 34.78
C THR B 87 0.99 -7.73 33.44
N VAL B 88 2.13 -7.01 33.51
CA VAL B 88 2.71 -6.37 32.35
C VAL B 88 4.18 -6.62 32.20
N HIS B 89 4.61 -6.91 30.96
CA HIS B 89 6.01 -7.06 30.60
C HIS B 89 6.34 -6.02 29.54
N THR B 90 7.43 -5.28 29.71
CA THR B 90 7.86 -4.31 28.71
C THR B 90 9.16 -4.77 28.04
N PHE B 91 9.32 -4.40 26.78
CA PHE B 91 10.52 -4.67 26.00
C PHE B 91 10.82 -3.43 25.16
N VAL B 92 12.11 -3.02 25.08
CA VAL B 92 12.48 -1.90 24.22
C VAL B 92 12.77 -2.53 22.85
N VAL B 93 11.87 -2.35 21.88
CA VAL B 93 12.02 -2.98 20.57
C VAL B 93 11.77 -1.97 19.45
N ASP B 94 12.67 -1.93 18.44
CA ASP B 94 12.51 -1.13 17.24
C ASP B 94 11.65 -1.97 16.32
N CYS B 95 10.37 -1.59 16.21
CA CYS B 95 9.37 -2.31 15.43
C CYS B 95 9.43 -2.06 13.91
N GLY B 96 10.53 -1.47 13.45
CA GLY B 96 10.86 -1.29 12.05
C GLY B 96 12.10 -2.09 11.67
N ASN B 97 12.76 -2.75 12.68
CA ASN B 97 13.96 -3.56 12.55
C ASN B 97 13.65 -5.06 12.66
N ARG B 98 13.75 -5.79 11.56
CA ARG B 98 13.49 -7.22 11.46
C ARG B 98 14.29 -8.07 12.47
N GLU B 99 15.61 -7.83 12.60
CA GLU B 99 16.48 -8.59 13.50
C GLU B 99 16.07 -8.37 14.95
N ASP B 100 15.82 -7.11 15.33
CA ASP B 100 15.40 -6.74 16.68
C ASP B 100 14.06 -7.41 17.02
N ILE B 101 13.09 -7.39 16.08
CA ILE B 101 11.78 -8.00 16.28
C ILE B 101 11.90 -9.52 16.52
N TYR B 102 12.65 -10.25 15.68
CA TYR B 102 12.81 -11.69 15.87
C TYR B 102 13.49 -12.05 17.18
N ASN B 103 14.55 -11.33 17.54
CA ASN B 103 15.25 -11.58 18.79
C ASN B 103 14.35 -11.31 19.99
N SER B 104 13.49 -10.27 19.91
CA SER B 104 12.55 -9.93 20.97
C SER B 104 11.41 -10.93 21.08
N VAL B 105 10.99 -11.53 19.95
CA VAL B 105 9.96 -12.57 19.99
C VAL B 105 10.48 -13.79 20.75
N LYS B 106 11.78 -14.12 20.61
CA LYS B 106 12.42 -15.22 21.36
C LYS B 106 12.34 -14.94 22.87
N GLN B 107 12.57 -13.69 23.26
CA GLN B 107 12.51 -13.23 24.63
C GLN B 107 11.08 -13.33 25.18
N VAL B 108 10.06 -12.89 24.41
CA VAL B 108 8.65 -12.95 24.82
C VAL B 108 8.20 -14.40 25.03
N LYS B 109 8.62 -15.32 24.15
CA LYS B 109 8.26 -16.74 24.31
C LYS B 109 8.86 -17.30 25.60
N LYS B 110 10.12 -16.94 25.87
CA LYS B 110 10.85 -17.43 27.05
C LYS B 110 10.38 -16.82 28.37
N GLU B 111 9.85 -15.60 28.34
CA GLU B 111 9.47 -14.90 29.56
C GLU B 111 7.98 -14.80 29.79
N VAL B 112 7.17 -14.77 28.75
CA VAL B 112 5.74 -14.59 28.88
C VAL B 112 4.92 -15.79 28.35
N GLY B 113 5.20 -16.18 27.11
CA GLY B 113 4.54 -17.29 26.43
C GLY B 113 4.19 -16.91 25.00
N ASP B 114 3.16 -17.55 24.47
CA ASP B 114 2.72 -17.30 23.11
C ASP B 114 1.70 -16.20 23.03
N VAL B 115 2.02 -15.11 22.30
CA VAL B 115 1.09 -14.00 22.10
C VAL B 115 -0.20 -14.50 21.41
N THR B 116 -1.35 -14.09 21.94
CA THR B 116 -2.62 -14.48 21.39
C THR B 116 -3.25 -13.31 20.62
N ILE B 117 -3.06 -12.06 21.08
CA ILE B 117 -3.60 -10.89 20.39
C ILE B 117 -2.44 -9.95 20.07
N LEU B 118 -2.22 -9.68 18.77
CA LEU B 118 -1.18 -8.75 18.34
C LEU B 118 -1.82 -7.44 17.88
N VAL B 119 -1.41 -6.31 18.45
CA VAL B 119 -1.87 -4.98 18.06
C VAL B 119 -0.69 -4.24 17.43
N ASN B 120 -0.60 -4.26 16.08
CA ASN B 120 0.41 -3.61 15.29
C ASN B 120 0.07 -2.10 15.20
N ASN B 121 0.41 -1.35 16.25
CA ASN B 121 0.09 0.05 16.39
C ASN B 121 1.25 1.00 16.09
N ALA B 122 2.52 0.62 16.40
CA ALA B 122 3.68 1.51 16.14
C ALA B 122 3.66 2.12 14.74
N GLY B 123 3.84 3.44 14.70
CA GLY B 123 3.83 4.18 13.46
C GLY B 123 4.71 5.41 13.53
N THR B 124 5.06 5.92 12.33
CA THR B 124 5.90 7.06 12.11
C THR B 124 5.40 7.84 10.88
N VAL B 125 5.68 9.16 10.85
CA VAL B 125 5.26 10.06 9.80
C VAL B 125 6.23 11.23 9.73
N TYR B 126 6.50 11.73 8.52
CA TYR B 126 7.36 12.88 8.29
C TYR B 126 6.65 13.76 7.28
N PRO B 127 5.69 14.57 7.76
CA PRO B 127 4.93 15.42 6.84
C PRO B 127 5.81 16.33 6.00
N ALA B 128 5.60 16.37 4.67
CA ALA B 128 6.31 17.21 3.69
C ALA B 128 5.74 16.95 2.31
N ASP B 129 5.90 17.92 1.38
CA ASP B 129 5.55 17.64 -0.03
C ASP B 129 6.59 16.61 -0.55
N LEU B 130 6.25 15.85 -1.60
CA LEU B 130 7.13 14.81 -2.13
C LEU B 130 8.58 15.25 -2.36
N LEU B 131 8.78 16.43 -2.97
CA LEU B 131 10.13 16.89 -3.26
C LEU B 131 10.92 17.41 -2.05
N SER B 132 10.27 17.55 -0.89
CA SER B 132 10.88 17.93 0.39
C SER B 132 11.11 16.74 1.33
N THR B 133 10.66 15.55 0.96
CA THR B 133 10.89 14.35 1.76
C THR B 133 12.36 13.95 1.61
N LYS B 134 12.88 13.33 2.61
CA LYS B 134 14.22 12.76 2.61
C LYS B 134 13.99 11.24 2.33
N ASP B 135 14.79 10.63 1.45
CA ASP B 135 14.61 9.23 1.11
C ASP B 135 14.62 8.29 2.35
N GLU B 136 15.41 8.64 3.40
CA GLU B 136 15.53 7.91 4.68
C GLU B 136 14.21 7.94 5.44
N GLU B 137 13.48 9.06 5.33
CA GLU B 137 12.17 9.20 5.96
C GLU B 137 11.14 8.31 5.28
N ILE B 138 11.23 8.22 3.93
CA ILE B 138 10.33 7.36 3.16
C ILE B 138 10.57 5.88 3.56
N THR B 139 11.85 5.48 3.65
CA THR B 139 12.26 4.16 4.03
C THR B 139 11.79 3.81 5.44
N LYS B 140 12.04 4.71 6.42
CA LYS B 140 11.59 4.49 7.79
C LYS B 140 10.08 4.38 7.89
N THR B 141 9.34 5.18 7.12
CA THR B 141 7.88 5.12 7.10
C THR B 141 7.41 3.74 6.69
N PHE B 142 7.98 3.15 5.64
CA PHE B 142 7.61 1.81 5.20
C PHE B 142 8.06 0.72 6.18
N GLU B 143 9.29 0.81 6.68
CA GLU B 143 9.86 -0.14 7.59
C GLU B 143 9.03 -0.28 8.86
N ILE B 144 8.56 0.84 9.44
CA ILE B 144 7.75 0.78 10.65
C ILE B 144 6.27 0.57 10.36
N ASN B 145 5.68 1.31 9.40
CA ASN B 145 4.24 1.27 9.20
C ASN B 145 3.70 0.05 8.49
N ILE B 146 4.55 -0.73 7.79
CA ILE B 146 4.04 -1.94 7.10
C ILE B 146 5.03 -3.14 7.14
N LEU B 147 6.33 -2.95 6.81
CA LEU B 147 7.28 -4.06 6.82
C LEU B 147 7.39 -4.70 8.17
N GLY B 148 7.35 -3.89 9.23
CA GLY B 148 7.40 -4.36 10.62
C GLY B 148 6.20 -5.21 10.95
N HIS B 149 5.03 -4.91 10.37
CA HIS B 149 3.83 -5.74 10.59
C HIS B 149 4.08 -7.16 10.04
N PHE B 150 4.76 -7.28 8.90
CA PHE B 150 5.09 -8.58 8.33
C PHE B 150 6.00 -9.36 9.26
N TRP B 151 7.08 -8.73 9.78
CA TRP B 151 8.00 -9.49 10.64
C TRP B 151 7.35 -9.91 11.94
N ILE B 152 6.58 -9.01 12.58
CA ILE B 152 5.91 -9.34 13.83
C ILE B 152 4.85 -10.41 13.62
N THR B 153 4.04 -10.28 12.56
CA THR B 153 2.99 -11.26 12.28
C THR B 153 3.61 -12.61 11.95
N LYS B 154 4.66 -12.66 11.11
CA LYS B 154 5.30 -13.93 10.79
C LYS B 154 5.88 -14.65 12.01
N ALA B 155 6.27 -13.90 13.03
CA ALA B 155 6.85 -14.48 14.24
C ALA B 155 5.77 -14.99 15.18
N LEU B 156 4.62 -14.33 15.23
CA LEU B 156 3.57 -14.68 16.18
C LEU B 156 2.46 -15.54 15.60
N LEU B 157 2.19 -15.40 14.30
CA LEU B 157 1.14 -16.19 13.64
C LEU B 157 1.32 -17.73 13.81
N PRO B 158 2.53 -18.33 13.77
CA PRO B 158 2.63 -19.79 13.89
C PRO B 158 1.97 -20.44 15.10
N SER B 159 2.08 -19.82 16.29
CA SER B 159 1.49 -20.44 17.50
C SER B 159 -0.04 -20.29 17.51
N MET B 160 -0.53 -19.17 16.94
CA MET B 160 -1.95 -18.85 16.77
C MET B 160 -2.55 -19.91 15.85
N ILE B 161 -1.85 -20.26 14.74
CA ILE B 161 -2.30 -21.25 13.78
C ILE B 161 -2.34 -22.61 14.46
N LYS B 162 -1.24 -22.98 15.15
CA LYS B 162 -1.09 -24.23 15.91
C LYS B 162 -2.26 -24.41 16.87
N ARG B 163 -2.67 -23.33 17.58
CA ARG B 163 -3.75 -23.36 18.55
C ARG B 163 -5.14 -23.03 18.00
N ASN B 164 -5.23 -22.66 16.70
CA ASN B 164 -6.43 -22.16 16.02
C ASN B 164 -7.09 -21.05 16.84
N HIS B 165 -6.26 -20.10 17.31
CA HIS B 165 -6.76 -19.06 18.21
C HIS B 165 -5.84 -17.86 18.23
N GLY B 166 -6.34 -16.74 17.76
CA GLY B 166 -5.58 -15.51 17.75
C GLY B 166 -6.36 -14.32 17.23
N HIS B 167 -5.75 -13.15 17.28
CA HIS B 167 -6.40 -11.93 16.78
C HIS B 167 -5.32 -10.96 16.32
N ILE B 168 -5.24 -10.67 15.00
CA ILE B 168 -4.30 -9.70 14.43
C ILE B 168 -4.98 -8.34 14.22
N VAL B 169 -4.55 -7.33 14.96
CA VAL B 169 -5.08 -5.98 14.87
C VAL B 169 -4.09 -5.09 14.14
N THR B 170 -4.48 -4.53 13.02
CA THR B 170 -3.63 -3.63 12.24
C THR B 170 -4.09 -2.23 12.50
N VAL B 171 -3.24 -1.37 13.06
CA VAL B 171 -3.62 0.03 13.24
C VAL B 171 -3.19 0.77 12.00
N ALA B 172 -4.15 1.11 11.14
CA ALA B 172 -3.85 1.80 9.90
C ALA B 172 -4.26 3.32 10.05
N SER B 173 -5.29 3.88 9.36
CA SER B 173 -5.69 5.28 9.40
C SER B 173 -6.75 5.50 8.31
N VAL B 174 -7.47 6.66 8.32
CA VAL B 174 -8.31 6.99 7.15
C VAL B 174 -7.42 7.19 5.90
N CYS B 175 -6.10 7.51 6.12
CA CYS B 175 -5.03 7.62 5.13
C CYS B 175 -4.78 6.31 4.38
N GLY B 176 -5.29 5.19 4.89
CA GLY B 176 -5.20 3.90 4.22
C GLY B 176 -6.33 3.67 3.21
N HIS B 177 -7.28 4.62 3.15
CA HIS B 177 -8.44 4.59 2.28
C HIS B 177 -8.47 5.78 1.34
N GLU B 178 -7.93 6.94 1.78
CA GLU B 178 -7.92 8.13 0.98
C GLU B 178 -6.60 8.89 1.18
N GLY B 179 -6.04 9.42 0.09
CA GLY B 179 -4.79 10.18 0.10
C GLY B 179 -4.93 11.57 0.70
N ILE B 180 -3.81 12.15 1.13
CA ILE B 180 -3.79 13.48 1.73
C ILE B 180 -2.55 14.21 1.26
N PRO B 181 -2.69 15.46 0.80
CA PRO B 181 -1.50 16.24 0.41
C PRO B 181 -0.47 16.34 1.54
N TYR B 182 0.82 16.33 1.20
CA TYR B 182 1.96 16.44 2.14
C TYR B 182 2.16 15.19 2.98
N LEU B 183 1.37 14.12 2.77
CA LEU B 183 1.54 12.88 3.51
C LEU B 183 1.59 11.70 2.52
N ILE B 184 2.22 11.87 1.34
CA ILE B 184 2.28 10.83 0.32
C ILE B 184 2.94 9.55 0.82
N PRO B 185 4.20 9.56 1.33
CA PRO B 185 4.79 8.30 1.79
C PRO B 185 4.01 7.67 2.91
N TYR B 186 3.41 8.45 3.78
CA TYR B 186 2.64 7.94 4.91
C TYR B 186 1.34 7.30 4.44
N CYS B 187 0.61 7.95 3.53
CA CYS B 187 -0.63 7.44 2.98
C CYS B 187 -0.39 6.11 2.28
N SER B 188 0.71 6.02 1.53
CA SER B 188 1.11 4.85 0.77
C SER B 188 1.37 3.68 1.74
N SER B 189 2.08 3.92 2.84
CA SER B 189 2.34 2.89 3.86
C SER B 189 1.04 2.51 4.61
N LYS B 190 0.10 3.46 4.75
CA LYS B 190 -1.17 3.15 5.40
C LYS B 190 -2.10 2.34 4.47
N PHE B 191 -2.02 2.58 3.17
CA PHE B 191 -2.76 1.80 2.18
C PHE B 191 -2.18 0.36 2.19
N ALA B 192 -0.84 0.23 2.31
CA ALA B 192 -0.15 -1.05 2.42
C ALA B 192 -0.65 -1.81 3.66
N ALA B 193 -0.86 -1.12 4.79
CA ALA B 193 -1.37 -1.75 6.00
C ALA B 193 -2.81 -2.28 5.81
N VAL B 194 -3.70 -1.52 5.15
CA VAL B 194 -5.07 -1.97 4.88
C VAL B 194 -5.04 -3.21 3.96
N GLY B 195 -4.17 -3.19 2.96
CA GLY B 195 -4.02 -4.29 2.01
C GLY B 195 -3.52 -5.55 2.66
N PHE B 196 -2.58 -5.40 3.62
CA PHE B 196 -2.03 -6.52 4.38
C PHE B 196 -3.16 -7.15 5.21
N HIS B 197 -3.96 -6.33 5.87
CA HIS B 197 -5.11 -6.78 6.66
C HIS B 197 -6.14 -7.54 5.76
N ARG B 198 -6.43 -7.04 4.58
N ARG B 198 -6.43 -7.03 4.58
CA ARG B 198 -7.41 -7.66 3.68
CA ARG B 198 -7.40 -7.66 3.68
C ARG B 198 -6.93 -8.98 3.06
C ARG B 198 -6.91 -8.98 3.08
N ALA B 199 -5.66 -9.04 2.63
CA ALA B 199 -5.12 -10.24 2.03
C ALA B 199 -4.91 -11.30 3.13
N LEU B 200 -4.54 -10.87 4.38
CA LEU B 200 -4.38 -11.79 5.52
C LEU B 200 -5.71 -12.44 5.87
N THR B 201 -6.78 -11.64 6.01
CA THR B 201 -8.16 -12.10 6.30
C THR B 201 -8.56 -13.15 5.26
N LEU B 202 -8.39 -12.83 3.97
CA LEU B 202 -8.76 -13.75 2.92
C LEU B 202 -7.93 -15.03 2.92
N GLU B 203 -6.61 -14.93 3.22
CA GLU B 203 -5.72 -16.08 3.24
C GLU B 203 -6.04 -17.04 4.40
N LEU B 204 -6.24 -16.51 5.63
CA LEU B 204 -6.64 -17.30 6.80
C LEU B 204 -7.93 -18.12 6.47
N GLN B 205 -8.90 -17.47 5.82
CA GLN B 205 -10.17 -18.04 5.43
C GLN B 205 -9.94 -19.10 4.35
N ALA B 206 -9.09 -18.82 3.35
CA ALA B 206 -8.76 -19.79 2.30
C ALA B 206 -8.08 -21.04 2.87
N LEU B 207 -7.29 -20.88 3.93
CA LEU B 207 -6.59 -21.99 4.57
C LEU B 207 -7.43 -22.78 5.59
N GLY B 208 -8.68 -22.38 5.79
CA GLY B 208 -9.58 -23.02 6.74
C GLY B 208 -9.27 -22.69 8.18
N ILE B 209 -8.53 -21.59 8.43
CA ILE B 209 -8.19 -21.16 9.78
C ILE B 209 -9.28 -20.24 10.32
N THR B 210 -10.22 -20.83 11.03
CA THR B 210 -11.40 -20.19 11.59
C THR B 210 -11.21 -19.44 12.93
N GLY B 211 -10.19 -19.83 13.68
CA GLY B 211 -9.97 -19.27 15.02
C GLY B 211 -9.17 -17.98 15.14
N ILE B 212 -8.55 -17.52 14.03
CA ILE B 212 -7.76 -16.29 14.04
C ILE B 212 -8.55 -15.11 13.44
N LYS B 213 -8.88 -14.13 14.29
CA LYS B 213 -9.64 -12.95 13.88
C LYS B 213 -8.72 -11.81 13.44
N THR B 214 -9.26 -10.88 12.66
CA THR B 214 -8.47 -9.74 12.18
C THR B 214 -9.29 -8.46 12.35
N SER B 215 -8.66 -7.36 12.72
CA SER B 215 -9.32 -6.06 12.85
C SER B 215 -8.39 -4.99 12.29
N CYS B 216 -8.95 -3.95 11.65
CA CYS B 216 -8.19 -2.86 11.10
C CYS B 216 -8.72 -1.59 11.73
N LEU B 217 -7.89 -0.84 12.46
CA LEU B 217 -8.35 0.42 13.06
C LEU B 217 -7.99 1.56 12.15
N CYS B 218 -8.99 2.31 11.69
CA CYS B 218 -8.80 3.45 10.79
C CYS B 218 -9.38 4.73 11.38
N PRO B 219 -8.69 5.38 12.32
CA PRO B 219 -9.20 6.65 12.85
C PRO B 219 -8.85 7.84 11.96
N VAL B 220 -9.63 8.93 12.11
CA VAL B 220 -9.31 10.21 11.49
C VAL B 220 -8.27 10.89 12.46
N PHE B 221 -8.01 12.18 12.36
CA PHE B 221 -7.06 12.87 13.22
C PHE B 221 -7.34 12.66 14.73
N VAL B 222 -6.36 12.13 15.44
CA VAL B 222 -6.41 11.95 16.89
C VAL B 222 -5.39 12.91 17.49
N ASN B 223 -5.79 13.65 18.53
CA ASN B 223 -4.97 14.63 19.22
C ASN B 223 -3.88 13.98 20.09
N THR B 224 -2.88 13.34 19.48
CA THR B 224 -1.82 12.67 20.24
C THR B 224 -0.44 13.32 20.09
N GLY B 225 -0.32 14.30 19.22
CA GLY B 225 0.95 14.94 18.90
C GLY B 225 1.66 14.27 17.74
N PHE B 226 1.09 13.17 17.17
CA PHE B 226 1.65 12.43 16.05
C PHE B 226 1.87 13.36 14.86
N THR B 227 0.88 14.22 14.57
CA THR B 227 0.89 15.29 13.57
C THR B 227 0.32 16.54 14.24
N LYS B 228 0.76 17.75 13.81
CA LYS B 228 0.33 18.98 14.47
C LYS B 228 -1.14 19.34 14.35
N ASN B 229 -1.74 19.19 13.17
CA ASN B 229 -3.13 19.60 12.95
C ASN B 229 -3.82 18.64 11.97
N PRO B 230 -5.17 18.56 11.97
CA PRO B 230 -5.84 17.74 10.95
C PRO B 230 -5.56 18.29 9.55
N SER B 231 -5.60 17.43 8.53
CA SER B 231 -5.36 17.87 7.15
C SER B 231 -6.55 18.51 6.46
N THR B 232 -7.77 18.25 6.98
CA THR B 232 -9.05 18.78 6.50
C THR B 232 -9.73 19.64 7.60
N ARG B 233 -10.80 20.37 7.26
CA ARG B 233 -11.49 21.22 8.22
C ARG B 233 -12.81 20.59 8.69
N ILE B 237 -11.49 15.76 15.07
CA ILE B 237 -10.72 16.10 16.27
C ILE B 237 -10.99 15.12 17.42
N LEU B 238 -10.49 13.87 17.28
CA LEU B 238 -10.68 12.80 18.27
C LEU B 238 -9.76 12.91 19.46
N GLU B 239 -10.21 12.37 20.58
CA GLU B 239 -9.40 12.28 21.78
C GLU B 239 -8.87 10.83 21.89
N THR B 240 -7.61 10.69 22.27
CA THR B 240 -6.93 9.39 22.41
C THR B 240 -7.78 8.26 23.02
N ASP B 241 -8.44 8.52 24.19
CA ASP B 241 -9.26 7.58 24.98
C ASP B 241 -10.50 7.08 24.24
N THR B 242 -11.06 7.92 23.35
CA THR B 242 -12.21 7.56 22.53
C THR B 242 -11.79 6.51 21.50
N VAL B 243 -10.61 6.69 20.89
CA VAL B 243 -10.08 5.80 19.89
C VAL B 243 -9.76 4.45 20.51
N ALA B 244 -9.21 4.44 21.73
CA ALA B 244 -8.92 3.20 22.46
C ALA B 244 -10.22 2.46 22.82
N ARG B 245 -11.27 3.21 23.19
CA ARG B 245 -12.58 2.61 23.48
C ARG B 245 -13.17 2.02 22.19
N SER B 246 -13.05 2.72 21.07
CA SER B 246 -13.55 2.23 19.79
C SER B 246 -12.82 0.95 19.36
N LEU B 247 -11.48 0.93 19.53
CA LEU B 247 -10.65 -0.21 19.20
C LEU B 247 -11.04 -1.43 20.04
N ILE B 248 -11.04 -1.33 21.40
CA ILE B 248 -11.37 -2.48 22.24
C ILE B 248 -12.77 -3.00 21.95
N ASP B 249 -13.76 -2.09 21.73
CA ASP B 249 -15.13 -2.49 21.43
C ASP B 249 -15.21 -3.27 20.12
N GLY B 250 -14.41 -2.87 19.13
CA GLY B 250 -14.32 -3.56 17.85
C GLY B 250 -13.66 -4.93 17.95
N ILE B 251 -12.57 -5.04 18.73
CA ILE B 251 -11.87 -6.32 18.95
C ILE B 251 -12.78 -7.33 19.63
N LEU B 252 -13.46 -6.91 20.70
CA LEU B 252 -14.35 -7.78 21.45
C LEU B 252 -15.54 -8.26 20.63
N THR B 253 -15.93 -7.52 19.57
CA THR B 253 -17.04 -7.92 18.70
C THR B 253 -16.58 -8.52 17.35
N ASN B 254 -15.25 -8.69 17.16
CA ASN B 254 -14.62 -9.22 15.96
C ASN B 254 -14.90 -8.39 14.71
N LYS B 255 -14.94 -7.05 14.85
CA LYS B 255 -15.17 -6.16 13.72
C LYS B 255 -13.92 -6.09 12.87
N LYS B 256 -14.06 -6.34 11.56
CA LYS B 256 -12.92 -6.35 10.65
C LYS B 256 -12.41 -4.97 10.27
N MET B 257 -13.28 -3.99 10.04
CA MET B 257 -12.84 -2.64 9.68
C MET B 257 -13.46 -1.66 10.65
N ILE B 258 -12.65 -1.09 11.52
CA ILE B 258 -13.13 -0.17 12.53
C ILE B 258 -12.78 1.25 12.15
N PHE B 259 -13.76 2.07 11.79
CA PHE B 259 -13.52 3.46 11.47
C PHE B 259 -13.81 4.31 12.69
N VAL B 260 -12.96 5.29 13.00
CA VAL B 260 -13.24 6.20 14.13
C VAL B 260 -13.23 7.63 13.61
N PRO B 261 -14.38 8.32 13.51
CA PRO B 261 -15.73 7.87 13.84
C PRO B 261 -16.32 6.96 12.77
N SER B 262 -17.13 5.98 13.19
CA SER B 262 -17.75 4.97 12.33
C SER B 262 -18.50 5.52 11.14
N TYR B 263 -19.13 6.69 11.31
CA TYR B 263 -19.83 7.33 10.21
C TYR B 263 -18.90 7.80 9.08
N TYR B 264 -17.57 7.85 9.33
CA TYR B 264 -16.60 8.25 8.30
C TYR B 264 -16.39 7.16 7.23
N ASN B 265 -17.32 6.20 7.16
CA ASN B 265 -17.40 5.11 6.22
C ASN B 265 -18.26 5.56 5.03
N ILE B 266 -19.35 6.32 5.30
CA ILE B 266 -20.20 6.85 4.25
C ILE B 266 -19.48 7.94 3.46
N TYR B 267 -18.54 8.70 4.08
CA TYR B 267 -17.78 9.71 3.35
C TYR B 267 -16.91 9.02 2.28
N LEU B 268 -16.32 7.87 2.62
CA LEU B 268 -15.49 7.08 1.72
C LEU B 268 -16.31 6.44 0.61
N ILE B 269 -17.54 6.03 0.91
CA ILE B 269 -18.44 5.44 -0.08
C ILE B 269 -18.90 6.51 -1.08
N LEU B 270 -19.15 7.74 -0.61
CA LEU B 270 -19.55 8.85 -1.47
C LEU B 270 -18.43 9.27 -2.41
N ASP B 271 -17.16 9.14 -1.97
CA ASP B 271 -15.98 9.45 -2.79
C ASP B 271 -15.88 8.51 -3.99
N LYS B 272 -16.31 7.25 -3.84
CA LYS B 272 -16.30 6.26 -4.92
C LYS B 272 -17.53 6.41 -5.84
N PHE B 273 -18.12 7.62 -5.92
CA PHE B 273 -19.28 7.97 -6.73
C PHE B 273 -19.17 9.44 -7.17
PA NAD C . 6.35 -9.38 -16.92
O1A NAD C . 5.87 -9.60 -18.31
O2A NAD C . 6.85 -10.51 -16.12
O5B NAD C . 7.43 -8.21 -17.05
C5B NAD C . 7.72 -7.30 -15.97
C4B NAD C . 9.05 -6.66 -16.31
O4B NAD C . 9.58 -5.95 -15.17
C3B NAD C . 10.11 -7.69 -16.73
O3B NAD C . 10.66 -7.38 -18.01
C2B NAD C . 11.14 -7.61 -15.60
O2B NAD C . 12.47 -7.79 -16.05
C1B NAD C . 10.97 -6.18 -15.14
N9A NAD C . 11.50 -5.92 -13.81
C8A NAD C . 11.41 -6.74 -12.71
N7A NAD C . 12.14 -6.35 -11.69
C5A NAD C . 12.74 -5.18 -12.15
C6A NAD C . 13.68 -4.31 -11.56
N6A NAD C . 14.13 -4.42 -10.31
N1A NAD C . 14.11 -3.26 -12.30
C2A NAD C . 13.63 -3.12 -13.54
N3A NAD C . 12.76 -3.88 -14.20
C4A NAD C . 12.35 -4.91 -13.44
O3 NAD C . 5.19 -8.63 -16.11
PN NAD C . 3.76 -7.99 -16.48
O1N NAD C . 3.88 -7.13 -17.69
O2N NAD C . 2.71 -9.02 -16.41
O5D NAD C . 3.58 -7.00 -15.24
C5D NAD C . 3.97 -5.62 -15.34
C4D NAD C . 3.32 -4.86 -14.21
O4D NAD C . 1.90 -5.06 -14.23
C3D NAD C . 3.78 -5.24 -12.80
O3D NAD C . 3.87 -4.09 -11.98
C2D NAD C . 2.64 -6.13 -12.29
O2D NAD C . 2.55 -6.13 -10.88
C1D NAD C . 1.45 -5.44 -12.95
N1N NAD C . 0.25 -6.33 -13.10
C2N NAD C . 0.37 -7.56 -13.62
C3N NAD C . -0.74 -8.37 -13.77
C7N NAD C . -0.64 -9.72 -14.44
O7N NAD C . -1.53 -10.55 -14.25
N7N NAD C . 0.36 -9.92 -15.28
C4N NAD C . -1.97 -7.89 -13.36
C5N NAD C . -2.07 -6.61 -12.83
C6N NAD C . -0.94 -5.85 -12.69
C4 A1AG4 D . -2.79 -11.88 -10.01
C7 A1AG4 D . -5.26 -10.76 -10.57
C6 A1AG4 D . -5.17 -12.09 -10.20
C13 A1AG4 D . -8.18 -10.99 -8.54
C20 A1AG4 D . -1.60 -9.74 -10.43
C16 A1AG4 D . -10.41 -9.74 -9.65
F1 A1AG4 D . -4.23 -8.73 -10.98
C2 A1AG4 D . -4.11 -10.02 -10.63
C3 A1AG4 D . -2.85 -10.53 -10.37
C5 A1AG4 D . -3.92 -12.65 -9.92
N8 A1AG4 D . -6.36 -12.87 -10.03
S9 A1AG4 D . -7.81 -12.59 -10.73
O10 A1AG4 D . -8.54 -13.81 -10.55
O11 A1AG4 D . -7.59 -12.10 -12.05
C12 A1AG4 D . -8.62 -11.32 -9.82
C14 A1AG4 D . -8.87 -10.03 -7.83
C15 A1AG4 D . -10.01 -9.43 -8.36
C17 A1AG4 D . -9.71 -10.68 -10.38
CL18 A1AG4 D . -10.97 -8.33 -7.43
CL19 A1AG4 D . -8.26 -9.54 -6.27
O21 A1AG4 D . -0.54 -10.21 -10.78
O22 A1AG4 D . -1.74 -8.49 -10.08
H23 A1AG4 D . -1.83 -12.35 -9.78
H25 A1AG4 D . -6.22 -10.28 -10.79
H27 A1AG4 D . -7.32 -11.46 -8.09
H28 A1AG4 D . -11.27 -9.24 -10.06
H24 A1AG4 D . -3.82 -13.70 -9.64
H26 A1AG4 D . -6.19 -13.64 -9.41
H29 A1AG4 D . -10.03 -10.92 -11.40
PA NAD E . 2.18 8.60 19.18
O1A NAD E . 1.36 9.01 20.33
O2A NAD E . 3.16 9.54 18.58
O5B NAD E . 2.88 7.25 19.64
C5B NAD E . 3.31 6.26 18.68
C4B NAD E . 4.27 5.38 19.44
O4B NAD E . 4.98 4.51 18.53
C3B NAD E . 5.33 6.17 20.22
O3B NAD E . 5.36 5.84 21.61
C2B NAD E . 6.63 5.84 19.50
O2B NAD E . 7.76 5.78 20.36
C1B NAD E . 6.32 4.46 18.95
N9A NAD E . 7.17 4.07 17.84
C8A NAD E . 7.61 4.86 16.80
N7A NAD E . 8.53 4.29 16.07
C5A NAD E . 8.71 3.04 16.65
C6A NAD E . 9.57 1.97 16.36
N6A NAD E . 10.44 1.96 15.35
N1A NAD E . 9.51 0.89 17.17
C2A NAD E . 8.66 0.89 18.18
N3A NAD E . 7.79 1.84 18.56
C4A NAD E . 7.87 2.90 17.74
O3 NAD E . 1.21 8.10 18.01
PN NAD E . -0.35 7.80 17.87
O1N NAD E . -0.83 7.01 19.02
O2N NAD E . -1.05 9.05 17.48
O5D NAD E . -0.33 6.82 16.61
C5D NAD E . -0.30 5.40 16.77
C4D NAD E . -0.70 4.76 15.47
O4D NAD E . -1.98 5.26 15.03
C3D NAD E . 0.26 4.98 14.29
O3D NAD E . 0.37 3.79 13.50
C2D NAD E . -0.44 6.05 13.47
O2D NAD E . -0.09 6.01 12.10
C1D NAD E . -1.90 5.67 13.70
N1N NAD E . -2.87 6.79 13.46
C2N NAD E . -2.65 7.98 14.05
C3N NAD E . -3.54 9.02 13.84
C7N NAD E . -3.38 10.34 14.54
O7N NAD E . -3.93 11.35 14.08
N7N NAD E . -2.66 10.37 15.67
C4N NAD E . -4.64 8.81 13.02
C5N NAD E . -4.84 7.57 12.43
C6N NAD E . -3.93 6.56 12.67
C4 A1AG4 F . -3.47 12.88 9.72
C7 A1AG4 F . -6.14 12.21 9.43
C6 A1AG4 F . -5.70 13.48 9.09
C13 A1AG4 F . -8.13 12.91 6.61
C20 A1AG4 F . -2.87 10.66 10.63
C16 A1AG4 F . -10.88 12.56 6.54
F1 A1AG4 F . -5.64 10.05 10.17
C2 A1AG4 F . -5.22 11.31 9.91
C3 A1AG4 F . -3.87 11.60 10.09
C5 A1AG4 F . -4.36 13.82 9.23
N8 A1AG4 F . -6.61 14.48 8.59
S9 A1AG4 F . -8.22 14.52 8.80
O10 A1AG4 F . -8.62 15.87 8.54
O11 A1AG4 F . -8.51 13.95 10.09
C12 A1AG4 F . -8.94 13.49 7.58
C14 A1AG4 F . -8.71 12.13 5.63
C15 A1AG4 F . -10.08 11.96 5.58
C17 A1AG4 F . -10.32 13.31 7.55
CL18 A1AG4 F . -10.82 10.96 4.37
CL19 A1AG4 F . -7.68 11.31 4.51
O21 A1AG4 F . -1.97 11.02 11.36
O22 A1AG4 F . -3.04 9.41 10.26
H23 A1AG4 F . -2.41 13.18 9.81
H25 A1AG4 F . -7.17 11.91 9.33
H27 A1AG4 F . -7.05 13.04 6.60
H28 A1AG4 F . -11.97 12.43 6.48
H24 A1AG4 F . -3.98 14.80 8.95
H26 A1AG4 F . -6.10 15.18 8.06
H29 A1AG4 F . -10.95 13.75 8.32
#